data_5OWQ
#
_entry.id   5OWQ
#
_cell.length_a   57.570
_cell.length_b   50.400
_cell.length_c   114.570
_cell.angle_alpha   90.00
_cell.angle_beta   96.60
_cell.angle_gamma   90.00
#
_symmetry.space_group_name_H-M   'P 1 21 1'
#
loop_
_entity.id
_entity.type
_entity.pdbx_description
1 polymer 'Serine/threonine-protein kinase 10'
2 non-polymer 4-amino-5-fluoro-3-[5-(4-methylpiperazin-1-yl)-1H-benzimidazol-2-yl]quinolin-2(1H)-one
#
_entity_poly.entity_id   1
_entity_poly.type   'polypeptide(L)'
_entity_poly.pdbx_seq_one_letter_code
;SMRKSREYEHVRRDLDPNEVWEIVGELGDGAFGKVYKAKNKETGALAAAKVIETKSEEELEDYIVEIEILATCDHPYIVK
LLGAYYHDGKLWIMIEFCPGGAVDAIMLELDRGLTEPQIQVVCRQMLEALNFLHSKRIIHRDLKAGNVLMTLEGDIRLAD
FGVSAKNLKTLQKRDSFIGTPYWMAPEVVMCETMKDTPYDYKADIWSLGITLIEMAQIEPPHHELNPMRVLLKIAKSDPP
TLLTPSKWSVEFRDFLKIALDKNPETRPSAAQLLEHPFVSSITSNKALRELVAEAKAEVMEE
;
_entity_poly.pdbx_strand_id   A,B
#
loop_
_chem_comp.id
_chem_comp.type
_chem_comp.name
_chem_comp.formula
38O non-polymer 4-amino-5-fluoro-3-[5-(4-methylpiperazin-1-yl)-1H-benzimidazol-2-yl]quinolin-2(1H)-one 'C21 H21 F N6 O'
#
# COMPACT_ATOMS: atom_id res chain seq x y z
N LEU A 15 17.98 -14.79 -31.85
CA LEU A 15 18.70 -13.55 -31.44
C LEU A 15 19.54 -13.77 -30.16
N ASP A 16 20.51 -14.67 -30.25
CA ASP A 16 21.36 -15.03 -29.12
C ASP A 16 22.41 -13.94 -28.85
N PRO A 17 22.69 -13.62 -27.56
CA PRO A 17 23.80 -12.73 -27.18
C PRO A 17 25.12 -13.48 -27.14
N ASN A 18 26.18 -12.79 -26.69
CA ASN A 18 27.58 -13.30 -26.59
C ASN A 18 28.41 -12.97 -27.86
N GLU A 19 27.78 -12.99 -29.04
CA GLU A 19 28.37 -12.47 -30.26
C GLU A 19 28.36 -10.94 -30.21
N VAL A 20 27.26 -10.37 -29.72
CA VAL A 20 27.12 -8.92 -29.57
C VAL A 20 28.07 -8.36 -28.51
N TRP A 21 28.01 -8.89 -27.29
CA TRP A 21 28.87 -8.44 -26.18
C TRP A 21 29.89 -9.48 -25.72
N GLU A 22 30.96 -8.98 -25.10
CA GLU A 22 32.00 -9.81 -24.48
C GLU A 22 32.32 -9.21 -23.10
N ILE A 23 32.27 -10.04 -22.05
CA ILE A 23 32.45 -9.57 -20.67
C ILE A 23 33.94 -9.43 -20.36
N VAL A 24 34.31 -8.36 -19.68
CA VAL A 24 35.71 -8.01 -19.45
C VAL A 24 35.92 -7.35 -18.10
N GLY A 25 35.29 -7.90 -17.07
CA GLY A 25 35.41 -7.35 -15.72
C GLY A 25 34.20 -7.66 -14.85
N GLU A 26 34.36 -7.42 -13.56
CA GLU A 26 33.28 -7.47 -12.59
C GLU A 26 33.32 -6.14 -11.85
N LEU A 27 32.15 -5.61 -11.55
CA LEU A 27 32.02 -4.29 -10.93
C LEU A 27 31.35 -4.29 -9.55
N GLY A 28 30.51 -5.29 -9.24
CA GLY A 28 30.01 -5.48 -7.87
C GLY A 28 28.81 -6.40 -7.69
N ASP A 29 29.02 -7.52 -7.00
CA ASP A 29 27.90 -8.36 -6.54
C ASP A 29 27.21 -7.58 -5.41
N GLY A 30 26.09 -6.91 -5.73
CA GLY A 30 25.36 -6.06 -4.75
C GLY A 30 24.61 -6.92 -3.73
N ALA A 31 23.27 -6.88 -3.77
CA ALA A 31 22.45 -8.01 -3.28
C ALA A 31 21.32 -8.33 -4.29
N PHE A 32 21.58 -8.00 -5.57
CA PHE A 32 20.63 -8.19 -6.66
C PHE A 32 21.47 -8.59 -7.87
N GLY A 33 21.33 -9.84 -8.33
CA GLY A 33 22.18 -10.43 -9.38
C GLY A 33 23.66 -10.21 -9.11
N LYS A 34 24.45 -10.15 -10.19
CA LYS A 34 25.80 -9.57 -10.14
C LYS A 34 25.97 -8.57 -11.30
N VAL A 35 26.83 -7.57 -11.10
CA VAL A 35 27.09 -6.52 -12.11
C VAL A 35 28.49 -6.67 -12.69
N TYR A 36 28.56 -6.96 -14.00
CA TYR A 36 29.83 -7.16 -14.74
C TYR A 36 30.03 -6.04 -15.77
N LYS A 37 31.24 -5.92 -16.31
CA LYS A 37 31.59 -4.92 -17.33
C LYS A 37 31.67 -5.62 -18.70
N ALA A 38 30.98 -5.06 -19.69
CA ALA A 38 30.86 -5.64 -21.03
C ALA A 38 31.32 -4.64 -22.08
N LYS A 39 32.00 -5.15 -23.10
CA LYS A 39 32.51 -4.34 -24.22
C LYS A 39 31.97 -4.92 -25.53
N ASN A 40 31.39 -4.05 -26.35
CA ASN A 40 30.73 -4.46 -27.60
C ASN A 40 31.74 -5.11 -28.55
N LYS A 41 31.37 -6.25 -29.12
CA LYS A 41 32.29 -7.01 -30.00
C LYS A 41 32.64 -6.27 -31.30
N GLU A 42 31.65 -5.59 -31.90
CA GLU A 42 31.86 -4.87 -33.17
C GLU A 42 32.33 -3.41 -32.98
N THR A 43 31.60 -2.65 -32.17
CA THR A 43 31.75 -1.19 -32.08
C THR A 43 32.79 -0.69 -31.06
N GLY A 44 33.10 -1.48 -30.03
CA GLY A 44 34.07 -1.10 -28.97
C GLY A 44 33.52 -0.45 -27.70
N ALA A 45 32.20 -0.22 -27.64
CA ALA A 45 31.59 0.51 -26.52
C ALA A 45 31.52 -0.30 -25.22
N LEU A 46 31.66 0.41 -24.09
CA LEU A 46 31.55 -0.19 -22.74
C LEU A 46 30.09 -0.25 -22.23
N ALA A 47 29.90 -0.99 -21.15
CA ALA A 47 28.58 -1.25 -20.62
C ALA A 47 28.67 -1.69 -19.19
N ALA A 48 27.50 -1.79 -18.57
CA ALA A 48 27.31 -2.52 -17.34
C ALA A 48 26.25 -3.56 -17.71
N ALA A 49 26.57 -4.82 -17.49
CA ALA A 49 25.65 -5.94 -17.75
C ALA A 49 25.13 -6.47 -16.43
N LYS A 50 23.81 -6.40 -16.21
CA LYS A 50 23.15 -7.03 -15.07
C LYS A 50 22.51 -8.32 -15.57
N VAL A 51 22.83 -9.44 -14.89
CA VAL A 51 22.50 -10.76 -15.40
C VAL A 51 21.73 -11.59 -14.38
N ILE A 52 20.62 -12.17 -14.83
CA ILE A 52 19.67 -12.94 -14.00
C ILE A 52 19.19 -14.20 -14.76
N GLU A 53 18.82 -15.27 -14.05
CA GLU A 53 18.01 -16.35 -14.65
C GLU A 53 17.14 -17.00 -13.58
N GLU A 57 9.65 -17.21 -15.40
CA GLU A 57 8.29 -17.00 -15.86
C GLU A 57 7.68 -15.79 -15.17
N GLU A 58 7.56 -15.88 -13.85
CA GLU A 58 6.86 -14.87 -13.06
C GLU A 58 7.73 -13.62 -12.95
N GLU A 59 8.96 -13.82 -12.47
CA GLU A 59 9.95 -12.74 -12.27
C GLU A 59 10.32 -12.10 -13.61
N LEU A 60 10.38 -12.94 -14.65
CA LEU A 60 10.82 -12.53 -15.98
C LEU A 60 9.93 -11.44 -16.59
N GLU A 61 8.61 -11.64 -16.52
CA GLU A 61 7.70 -10.58 -16.96
C GLU A 61 7.73 -9.35 -16.04
N ASP A 62 7.98 -9.57 -14.73
CA ASP A 62 8.19 -8.46 -13.78
C ASP A 62 9.43 -7.63 -14.09
N TYR A 63 10.47 -8.25 -14.63
CA TYR A 63 11.67 -7.50 -15.03
C TYR A 63 11.48 -6.79 -16.38
N ILE A 64 10.81 -7.41 -17.35
CA ILE A 64 10.52 -6.79 -18.67
C ILE A 64 9.82 -5.41 -18.58
N VAL A 65 8.86 -5.32 -17.65
CA VAL A 65 8.14 -4.08 -17.37
C VAL A 65 9.15 -3.00 -16.95
N GLU A 66 9.99 -3.29 -15.96
CA GLU A 66 11.07 -2.41 -15.50
C GLU A 66 12.01 -2.01 -16.64
N ILE A 67 12.42 -2.97 -17.47
CA ILE A 67 13.29 -2.64 -18.62
C ILE A 67 12.58 -1.63 -19.53
N GLU A 68 11.39 -2.03 -20.02
CA GLU A 68 10.61 -1.15 -20.85
C GLU A 68 10.27 0.19 -20.18
N ILE A 69 10.24 0.26 -18.86
CA ILE A 69 10.13 1.57 -18.18
C ILE A 69 11.40 2.44 -18.37
N LEU A 70 12.58 1.81 -18.32
CA LEU A 70 13.84 2.55 -18.50
C LEU A 70 14.06 3.13 -19.90
N ALA A 71 13.60 2.41 -20.92
CA ALA A 71 13.63 2.92 -22.32
C ALA A 71 12.99 4.31 -22.44
N THR A 72 11.79 4.40 -21.88
CA THR A 72 11.07 5.65 -21.65
C THR A 72 11.85 6.77 -20.97
N CYS A 73 12.66 6.42 -19.98
CA CYS A 73 13.25 7.41 -19.05
C CYS A 73 14.55 7.99 -19.56
N ASP A 74 14.48 8.48 -20.80
CA ASP A 74 15.62 9.01 -21.51
C ASP A 74 15.87 10.49 -21.17
N HIS A 75 16.93 10.71 -20.41
CA HIS A 75 17.33 12.02 -19.92
C HIS A 75 18.83 12.03 -19.53
N PRO A 76 19.49 13.19 -19.73
CA PRO A 76 20.84 13.49 -19.22
C PRO A 76 21.30 12.77 -17.97
N TYR A 77 20.54 12.89 -16.88
CA TYR A 77 20.93 12.37 -15.58
C TYR A 77 20.29 11.05 -15.14
N ILE A 78 20.01 10.15 -16.08
CA ILE A 78 19.44 8.84 -15.80
C ILE A 78 20.10 7.89 -16.77
N VAL A 79 20.61 6.78 -16.26
CA VAL A 79 21.32 5.80 -17.09
C VAL A 79 20.57 5.43 -18.35
N LYS A 80 21.28 5.36 -19.46
CA LYS A 80 20.68 4.97 -20.75
C LYS A 80 20.52 3.44 -20.77
N LEU A 81 19.38 2.94 -21.24
CA LEU A 81 19.24 1.51 -21.52
C LEU A 81 19.93 1.25 -22.84
N LEU A 82 20.85 0.28 -22.91
CA LEU A 82 21.54 -0.08 -24.16
C LEU A 82 21.02 -1.31 -24.88
N GLY A 83 20.49 -2.30 -24.14
CA GLY A 83 19.92 -3.47 -24.80
C GLY A 83 19.38 -4.53 -23.85
N ALA A 84 18.90 -5.63 -24.43
CA ALA A 84 18.19 -6.64 -23.67
C ALA A 84 18.17 -7.97 -24.38
N TYR A 85 19.14 -8.83 -24.05
CA TYR A 85 19.25 -10.14 -24.68
C TYR A 85 18.74 -11.27 -23.77
N LYS A 90 19.44 -17.16 -20.13
CA LYS A 90 19.78 -16.08 -19.20
C LYS A 90 19.06 -14.76 -19.55
N LEU A 91 19.16 -13.76 -18.68
CA LEU A 91 18.64 -12.39 -18.89
C LEU A 91 19.72 -11.29 -18.76
N TRP A 92 20.15 -10.72 -19.89
CA TRP A 92 21.16 -9.67 -19.90
C TRP A 92 20.48 -8.31 -20.03
N ILE A 93 20.99 -7.32 -19.31
CA ILE A 93 20.55 -5.93 -19.46
C ILE A 93 21.77 -5.03 -19.52
N MET A 94 21.98 -4.42 -20.69
CA MET A 94 23.15 -3.60 -20.95
C MET A 94 22.79 -2.15 -20.69
N ILE A 95 23.49 -1.55 -19.73
CA ILE A 95 23.26 -0.17 -19.26
C ILE A 95 24.56 0.64 -19.47
N GLU A 96 24.50 1.97 -19.45
CA GLU A 96 25.69 2.76 -19.75
C GLU A 96 26.77 2.62 -18.66
N PHE A 97 27.99 2.30 -19.08
CA PHE A 97 29.15 2.38 -18.22
C PHE A 97 29.37 3.84 -17.79
N CYS A 98 29.43 4.08 -16.49
CA CYS A 98 29.79 5.37 -15.90
C CYS A 98 31.14 5.16 -15.15
N PRO A 99 32.28 5.58 -15.75
CA PRO A 99 33.61 5.24 -15.17
C PRO A 99 34.03 5.94 -13.87
N GLY A 100 33.22 6.82 -13.28
CA GLY A 100 33.48 7.26 -11.90
C GLY A 100 32.97 6.28 -10.86
N GLY A 101 32.02 5.41 -11.24
CA GLY A 101 31.25 4.57 -10.26
C GLY A 101 30.29 5.32 -9.33
N ALA A 102 29.79 4.61 -8.31
CA ALA A 102 28.78 5.17 -7.39
C ALA A 102 29.36 6.07 -6.35
N VAL A 103 28.58 7.00 -5.84
CA VAL A 103 29.15 8.03 -4.98
C VAL A 103 29.59 7.49 -3.63
N ASP A 104 28.85 6.53 -3.08
CA ASP A 104 29.23 5.90 -1.81
C ASP A 104 30.57 5.16 -1.93
N ALA A 105 30.82 4.41 -3.01
CA ALA A 105 32.14 3.79 -3.29
C ALA A 105 33.25 4.83 -3.39
N ILE A 106 32.96 5.90 -4.09
CA ILE A 106 33.85 7.04 -4.14
C ILE A 106 34.16 7.55 -2.73
N MET A 107 33.14 7.72 -1.90
CA MET A 107 33.36 8.32 -0.60
C MET A 107 34.25 7.52 0.33
N LEU A 108 34.30 6.19 0.15
CA LEU A 108 35.16 5.33 0.94
C LEU A 108 36.59 5.24 0.40
N GLU A 109 36.74 4.92 -0.90
CA GLU A 109 38.03 5.02 -1.61
C GLU A 109 38.77 6.35 -1.28
N LEU A 110 38.05 7.45 -1.29
CA LEU A 110 38.57 8.73 -0.74
C LEU A 110 38.54 8.88 0.79
N ASP A 111 37.78 8.03 1.48
CA ASP A 111 37.63 8.10 2.93
C ASP A 111 37.34 9.52 3.43
N ARG A 112 36.31 10.12 2.84
CA ARG A 112 35.74 11.37 3.36
C ARG A 112 34.42 11.70 2.71
N GLY A 113 33.74 12.65 3.33
CA GLY A 113 32.49 13.18 2.82
C GLY A 113 32.66 13.92 1.51
N LEU A 114 31.61 14.63 1.12
CA LEU A 114 31.64 15.48 -0.07
C LEU A 114 31.58 16.94 0.35
N THR A 115 32.26 17.81 -0.40
CA THR A 115 32.27 19.22 -0.08
C THR A 115 30.89 19.77 -0.40
N GLU A 116 30.49 20.85 0.28
CA GLU A 116 29.15 21.38 0.06
C GLU A 116 28.98 21.68 -1.43
N PRO A 117 29.95 22.37 -2.06
CA PRO A 117 29.84 22.61 -3.51
C PRO A 117 29.75 21.33 -4.34
N GLN A 118 30.51 20.32 -3.99
CA GLN A 118 30.25 19.00 -4.58
C GLN A 118 28.78 18.52 -4.34
N ILE A 119 28.28 18.66 -3.10
CA ILE A 119 26.88 18.31 -2.79
C ILE A 119 25.89 19.20 -3.56
N GLN A 120 26.21 20.49 -3.78
CA GLN A 120 25.33 21.42 -4.54
C GLN A 120 25.07 20.93 -5.97
N VAL A 121 26.11 20.47 -6.61
CA VAL A 121 26.01 19.99 -7.99
C VAL A 121 25.20 18.68 -8.10
N VAL A 122 25.35 17.77 -7.14
CA VAL A 122 24.56 16.50 -7.13
C VAL A 122 23.06 16.76 -6.83
N CYS A 123 22.81 17.67 -5.90
CA CYS A 123 21.45 18.00 -5.48
C CYS A 123 20.63 18.54 -6.64
N ARG A 124 21.25 19.48 -7.36
CA ARG A 124 20.68 20.06 -8.54
C ARG A 124 20.48 19.06 -9.68
N GLN A 125 21.47 18.23 -10.02
CA GLN A 125 21.27 17.28 -11.12
C GLN A 125 20.23 16.23 -10.79
N MET A 126 20.14 15.86 -9.50
CA MET A 126 19.14 14.90 -9.01
C MET A 126 17.71 15.49 -9.19
N LEU A 127 17.55 16.73 -8.72
CA LEU A 127 16.32 17.49 -8.91
C LEU A 127 15.83 17.56 -10.38
N GLU A 128 16.71 17.62 -11.34
CA GLU A 128 16.28 17.63 -12.74
C GLU A 128 15.89 16.22 -13.13
N ALA A 129 16.57 15.23 -12.60
CA ALA A 129 16.18 13.83 -12.85
C ALA A 129 14.83 13.51 -12.22
N LEU A 130 14.62 13.96 -10.98
CA LEU A 130 13.35 13.74 -10.27
C LEU A 130 12.19 14.49 -10.90
N ASN A 131 12.44 15.74 -11.28
CA ASN A 131 11.43 16.53 -11.90
C ASN A 131 11.06 16.01 -13.26
N PHE A 132 11.98 15.35 -13.93
CA PHE A 132 11.71 14.72 -15.21
C PHE A 132 10.79 13.54 -14.98
N LEU A 133 11.26 12.64 -14.12
CA LEU A 133 10.51 11.40 -13.77
C LEU A 133 9.05 11.64 -13.25
N HIS A 134 8.92 12.61 -12.36
CA HIS A 134 7.65 13.06 -11.83
C HIS A 134 6.67 13.63 -12.84
N SER A 135 7.15 14.12 -13.99
CA SER A 135 6.30 14.54 -15.13
C SER A 135 5.88 13.38 -16.03
N LYS A 136 6.59 12.27 -15.91
CA LYS A 136 6.30 10.99 -16.59
C LYS A 136 5.41 10.11 -15.69
N ARG A 137 5.10 10.62 -14.49
CA ARG A 137 4.36 9.88 -13.43
C ARG A 137 5.09 8.59 -13.00
N ILE A 138 6.40 8.76 -12.73
CA ILE A 138 7.31 7.68 -12.27
C ILE A 138 8.05 8.14 -11.03
N ILE A 139 8.16 7.21 -10.09
CA ILE A 139 8.97 7.40 -8.90
C ILE A 139 10.23 6.53 -8.99
N HIS A 140 11.32 6.98 -8.37
CA HIS A 140 12.50 6.12 -8.21
C HIS A 140 12.39 5.15 -7.02
N ARG A 141 12.25 5.69 -5.82
CA ARG A 141 12.07 4.90 -4.56
C ARG A 141 13.31 4.18 -4.03
N ASP A 142 14.49 4.42 -4.56
CA ASP A 142 15.71 3.77 -4.05
C ASP A 142 16.88 4.73 -4.22
N LEU A 143 16.60 6.00 -3.91
CA LEU A 143 17.56 7.07 -4.00
C LEU A 143 18.42 7.02 -2.79
N LYS A 144 19.65 6.63 -3.03
CA LYS A 144 20.75 6.70 -2.09
C LYS A 144 22.06 6.94 -2.87
N ALA A 145 23.17 7.19 -2.17
CA ALA A 145 24.44 7.47 -2.87
C ALA A 145 24.92 6.32 -3.75
N GLY A 146 24.57 5.10 -3.44
CA GLY A 146 25.00 3.93 -4.20
C GLY A 146 24.25 3.78 -5.50
N ASN A 147 23.15 4.52 -5.63
CA ASN A 147 22.44 4.67 -6.93
C ASN A 147 22.63 6.04 -7.70
N VAL A 148 23.52 6.90 -7.22
CA VAL A 148 24.05 8.06 -7.97
C VAL A 148 25.42 7.74 -8.54
N LEU A 149 25.47 7.39 -9.83
CA LEU A 149 26.72 7.14 -10.55
C LEU A 149 27.34 8.45 -11.12
N MET A 150 28.64 8.41 -11.52
CA MET A 150 29.41 9.55 -12.01
C MET A 150 30.08 9.26 -13.34
N THR A 151 30.04 10.26 -14.25
CA THR A 151 30.85 10.26 -15.46
C THR A 151 32.13 11.05 -15.28
N LEU A 152 33.04 10.87 -16.24
CA LEU A 152 34.32 11.56 -16.22
C LEU A 152 34.10 13.03 -16.41
N GLU A 153 33.02 13.40 -17.10
CA GLU A 153 32.73 14.80 -17.40
C GLU A 153 32.29 15.55 -16.14
N GLY A 154 32.09 14.81 -15.05
CA GLY A 154 31.63 15.35 -13.77
C GLY A 154 30.11 15.35 -13.60
N ASP A 155 29.43 14.51 -14.37
CA ASP A 155 27.96 14.42 -14.30
C ASP A 155 27.44 13.14 -13.66
N ILE A 156 26.26 13.23 -13.02
CA ILE A 156 25.61 12.06 -12.40
C ILE A 156 24.75 11.27 -13.34
N ARG A 157 24.52 10.03 -12.99
CA ARG A 157 23.38 9.28 -13.51
C ARG A 157 22.74 8.49 -12.36
N LEU A 158 21.42 8.57 -12.26
CA LEU A 158 20.61 7.70 -11.42
C LEU A 158 20.48 6.30 -12.05
N ALA A 159 20.57 5.26 -11.22
CA ALA A 159 20.75 3.86 -11.68
C ALA A 159 19.56 2.90 -11.50
N ASP A 160 19.65 1.71 -12.14
CA ASP A 160 18.64 0.65 -12.20
C ASP A 160 17.19 1.13 -12.45
N PRO A 181 -17.88 3.22 -0.61
CA PRO A 181 -16.48 3.24 -0.06
C PRO A 181 -16.36 4.05 1.25
N TYR A 182 -17.44 4.01 2.04
CA TYR A 182 -17.62 4.84 3.25
C TYR A 182 -17.26 4.14 4.54
N TRP A 183 -16.99 2.84 4.45
CA TRP A 183 -16.65 2.00 5.59
C TRP A 183 -15.15 1.86 5.60
N MET A 184 -14.45 2.67 4.81
CA MET A 184 -13.01 2.52 4.71
C MET A 184 -12.37 3.22 5.90
N ALA A 185 -11.32 2.60 6.40
CA ALA A 185 -10.61 3.04 7.59
C ALA A 185 -9.52 4.03 7.21
N PRO A 186 -9.35 5.10 8.01
CA PRO A 186 -8.46 6.22 7.68
C PRO A 186 -7.10 5.79 7.15
N GLU A 187 -6.49 4.83 7.81
CA GLU A 187 -5.19 4.29 7.41
C GLU A 187 -5.22 3.52 6.08
N VAL A 188 -6.37 3.02 5.66
CA VAL A 188 -6.48 2.35 4.37
C VAL A 188 -6.55 3.42 3.30
N VAL A 189 -7.22 4.53 3.63
CA VAL A 189 -7.41 5.69 2.75
C VAL A 189 -6.05 6.32 2.39
N MET A 190 -5.24 6.61 3.41
CA MET A 190 -3.90 7.22 3.20
C MET A 190 -3.07 6.40 2.22
N CYS A 191 -3.03 5.08 2.44
CA CYS A 191 -2.28 4.16 1.58
C CYS A 191 -2.98 3.70 0.26
N GLU A 192 -4.03 4.42 -0.19
CA GLU A 192 -4.44 4.51 -1.64
C GLU A 192 -4.32 5.94 -2.25
N TYR A 199 1.81 14.08 -4.87
CA TYR A 199 1.69 13.80 -3.45
C TYR A 199 2.25 12.42 -3.10
N ASP A 200 1.89 11.37 -3.85
CA ASP A 200 2.35 9.98 -3.54
C ASP A 200 3.78 9.77 -4.02
N TYR A 201 4.18 10.58 -4.99
CA TYR A 201 5.58 10.68 -5.42
C TYR A 201 6.45 11.68 -4.67
N LYS A 202 6.04 12.14 -3.49
CA LYS A 202 6.95 12.91 -2.62
C LYS A 202 7.92 12.04 -1.80
N ALA A 203 8.01 10.73 -2.11
CA ALA A 203 8.85 9.77 -1.35
C ALA A 203 10.32 9.97 -1.65
N ASP A 204 10.58 10.01 -2.96
CA ASP A 204 11.81 10.54 -3.59
C ASP A 204 12.40 11.77 -2.94
N ILE A 205 11.57 12.78 -2.73
CA ILE A 205 12.04 14.03 -2.13
C ILE A 205 12.56 13.84 -0.72
N TRP A 206 11.99 12.91 0.03
CA TRP A 206 12.54 12.58 1.34
C TRP A 206 13.89 11.89 1.15
N SER A 207 13.95 10.84 0.32
CA SER A 207 15.18 10.06 0.10
C SER A 207 16.41 10.91 -0.37
N LEU A 208 16.11 11.89 -1.24
CA LEU A 208 17.00 12.94 -1.68
C LEU A 208 17.62 13.61 -0.48
N GLY A 209 16.84 14.30 0.35
CA GLY A 209 17.38 14.99 1.52
C GLY A 209 18.21 14.04 2.39
N ILE A 210 17.71 12.82 2.57
CA ILE A 210 18.50 11.79 3.26
C ILE A 210 19.78 11.44 2.50
N THR A 211 19.73 11.36 1.16
CA THR A 211 20.94 11.10 0.37
C THR A 211 21.98 12.22 0.57
N LEU A 212 21.52 13.46 0.65
CA LEU A 212 22.41 14.59 0.91
C LEU A 212 23.14 14.51 2.26
N ILE A 213 22.48 13.96 3.27
CA ILE A 213 23.16 13.70 4.55
C ILE A 213 24.19 12.58 4.39
N GLU A 214 23.81 11.49 3.75
CA GLU A 214 24.74 10.40 3.43
C GLU A 214 26.03 10.99 2.79
N MET A 215 25.87 11.94 1.87
CA MET A 215 27.02 12.52 1.14
C MET A 215 27.86 13.46 2.03
N ALA A 216 27.22 14.34 2.81
CA ALA A 216 27.96 15.11 3.81
C ALA A 216 28.75 14.22 4.73
N GLN A 217 28.08 13.20 5.29
CA GLN A 217 28.59 12.50 6.48
C GLN A 217 29.09 11.07 6.24
N ILE A 218 29.17 10.65 4.99
CA ILE A 218 29.50 9.28 4.58
C ILE A 218 28.39 8.30 4.88
N GLU A 219 27.88 8.31 6.12
CA GLU A 219 26.82 7.41 6.59
C GLU A 219 25.51 8.16 6.80
N PRO A 220 24.36 7.52 6.46
CA PRO A 220 23.02 8.15 6.73
C PRO A 220 22.70 8.24 8.20
N PRO A 221 21.70 9.05 8.58
CA PRO A 221 21.30 9.11 9.99
C PRO A 221 20.72 7.76 10.51
N HIS A 222 20.93 7.45 11.78
CA HIS A 222 20.60 6.14 12.32
C HIS A 222 21.43 4.96 11.71
N HIS A 223 22.64 5.21 11.19
CA HIS A 223 23.50 4.11 10.61
C HIS A 223 23.95 3.06 11.64
N GLU A 224 23.90 3.44 12.92
CA GLU A 224 24.38 2.65 14.08
C GLU A 224 23.41 1.57 14.64
N LEU A 225 22.14 1.66 14.26
CA LEU A 225 21.10 0.73 14.69
C LEU A 225 20.87 -0.31 13.58
N ASN A 226 20.41 -1.52 13.95
CA ASN A 226 20.05 -2.56 12.98
C ASN A 226 18.72 -2.28 12.20
N PRO A 227 18.59 -2.84 10.96
CA PRO A 227 17.43 -2.51 10.07
C PRO A 227 16.06 -2.66 10.70
N MET A 228 15.95 -3.62 11.62
CA MET A 228 14.76 -3.80 12.43
C MET A 228 14.43 -2.49 13.13
N ARG A 229 15.32 -1.99 13.98
CA ARG A 229 15.03 -0.77 14.76
C ARG A 229 14.94 0.57 13.94
N VAL A 230 15.51 0.58 12.74
CA VAL A 230 15.52 1.78 11.88
C VAL A 230 14.12 2.32 11.56
N LEU A 231 13.28 1.43 11.03
CA LEU A 231 11.89 1.73 10.64
C LEU A 231 11.11 2.47 11.75
N LEU A 232 11.28 2.03 12.99
CA LEU A 232 10.64 2.65 14.17
C LEU A 232 11.21 4.02 14.39
N LYS A 233 12.53 4.10 14.45
CA LYS A 233 13.27 5.38 14.57
C LYS A 233 12.85 6.40 13.49
N ILE A 234 12.71 5.92 12.26
CA ILE A 234 12.26 6.80 11.19
C ILE A 234 10.90 7.36 11.57
N ALA A 235 9.94 6.44 11.80
CA ALA A 235 8.55 6.83 12.05
C ALA A 235 8.34 7.62 13.34
N LYS A 236 9.15 7.34 14.36
CA LYS A 236 9.07 8.05 15.63
C LYS A 236 9.79 9.41 15.61
N SER A 237 11.05 9.42 15.17
CA SER A 237 11.93 10.59 15.37
C SER A 237 11.63 11.81 14.50
N ASP A 238 12.09 12.96 14.95
CA ASP A 238 11.99 14.17 14.16
C ASP A 238 12.92 14.15 12.93
N PRO A 239 12.62 15.04 11.95
CA PRO A 239 13.44 15.00 10.75
C PRO A 239 14.92 15.18 11.06
N PRO A 240 15.76 14.32 10.48
CA PRO A 240 17.20 14.46 10.67
C PRO A 240 17.73 15.82 10.15
N THR A 241 18.70 16.37 10.88
CA THR A 241 19.45 17.54 10.50
C THR A 241 20.87 17.08 10.33
N LEU A 242 21.73 18.00 9.90
CA LEU A 242 23.17 17.74 9.82
C LEU A 242 23.78 17.72 11.20
N LEU A 243 24.82 16.90 11.34
CA LEU A 243 25.47 16.71 12.62
C LEU A 243 26.20 17.95 13.11
N THR A 244 26.95 18.59 12.23
CA THR A 244 27.64 19.83 12.57
C THR A 244 27.01 20.94 11.76
N PRO A 245 25.95 21.58 12.31
CA PRO A 245 25.33 22.71 11.62
C PRO A 245 26.32 23.86 11.32
N SER A 246 27.27 24.09 12.22
CA SER A 246 28.33 25.04 11.97
C SER A 246 29.05 24.79 10.62
N LYS A 247 29.41 23.53 10.34
CA LYS A 247 30.15 23.18 9.10
C LYS A 247 29.54 23.53 7.71
N TRP A 248 28.24 23.84 7.64
CA TRP A 248 27.55 23.99 6.35
C TRP A 248 26.78 25.28 6.31
N SER A 249 26.41 25.71 5.10
CA SER A 249 25.82 27.02 4.90
C SER A 249 24.37 27.03 5.36
N VAL A 250 23.85 28.21 5.63
CA VAL A 250 22.47 28.37 6.08
C VAL A 250 21.46 27.82 5.04
N GLU A 251 21.80 27.89 3.76
CA GLU A 251 20.95 27.39 2.68
C GLU A 251 20.82 25.85 2.69
N PHE A 252 21.93 25.17 2.94
CA PHE A 252 21.93 23.70 3.07
C PHE A 252 20.97 23.26 4.20
N ARG A 253 21.12 23.89 5.36
CA ARG A 253 20.31 23.57 6.55
C ARG A 253 18.80 23.76 6.35
N ASP A 254 18.46 24.84 5.66
CA ASP A 254 17.09 25.19 5.31
C ASP A 254 16.53 24.28 4.20
N PHE A 255 17.37 23.87 3.25
CA PHE A 255 16.95 22.96 2.17
C PHE A 255 16.53 21.63 2.80
N LEU A 256 17.40 21.11 3.65
CA LEU A 256 17.10 19.93 4.44
C LEU A 256 15.92 20.12 5.39
N LYS A 257 15.77 21.32 5.97
CA LYS A 257 14.60 21.59 6.78
C LYS A 257 13.33 21.36 5.96
N ILE A 258 13.24 21.91 4.74
CA ILE A 258 11.99 21.81 3.94
C ILE A 258 11.87 20.55 3.11
N ALA A 259 12.99 19.95 2.73
CA ALA A 259 12.95 18.69 2.00
C ALA A 259 12.45 17.57 2.90
N LEU A 260 12.91 17.60 4.15
CA LEU A 260 12.62 16.55 5.12
C LEU A 260 11.52 17.06 6.07
N ASP A 261 10.33 17.18 5.46
CA ASP A 261 9.08 17.45 6.12
C ASP A 261 8.42 16.09 6.21
N LYS A 262 7.89 15.75 7.36
CA LYS A 262 7.25 14.44 7.54
C LYS A 262 5.90 14.34 6.83
N ASN A 263 5.30 15.50 6.52
CA ASN A 263 3.99 15.59 5.85
C ASN A 263 4.09 15.78 4.32
N PRO A 264 3.87 14.69 3.53
CA PRO A 264 3.91 14.82 2.06
C PRO A 264 2.91 15.79 1.42
N GLU A 265 1.92 16.25 2.18
CA GLU A 265 1.10 17.39 1.78
C GLU A 265 2.03 18.60 1.70
N THR A 266 2.46 19.12 2.84
CA THR A 266 3.27 20.34 2.88
C THR A 266 4.69 20.22 2.27
N ARG A 267 5.18 18.98 2.08
CA ARG A 267 6.53 18.75 1.50
C ARG A 267 6.61 19.13 -0.02
N PRO A 268 7.69 19.80 -0.48
CA PRO A 268 7.78 20.32 -1.86
C PRO A 268 8.17 19.33 -3.01
N SER A 269 7.76 19.68 -4.25
CA SER A 269 8.16 18.95 -5.48
C SER A 269 9.62 19.17 -5.90
N ALA A 270 10.14 18.26 -6.73
CA ALA A 270 11.48 18.46 -7.34
C ALA A 270 11.53 19.85 -7.99
N ALA A 271 10.48 20.19 -8.76
CA ALA A 271 10.25 21.51 -9.37
C ALA A 271 10.40 22.69 -8.43
N GLN A 272 9.67 22.70 -7.33
CA GLN A 272 9.75 23.79 -6.35
C GLN A 272 11.12 23.93 -5.72
N LEU A 273 11.80 22.81 -5.51
CA LEU A 273 13.11 22.81 -4.86
C LEU A 273 14.20 23.37 -5.79
N LEU A 274 14.01 23.25 -7.10
CA LEU A 274 14.98 23.80 -8.05
C LEU A 274 15.14 25.34 -7.91
N GLU A 275 14.11 26.02 -7.42
CA GLU A 275 14.21 27.42 -7.05
C GLU A 275 14.72 27.67 -5.62
N HIS A 276 15.41 26.73 -4.99
CA HIS A 276 15.99 27.00 -3.67
C HIS A 276 17.40 27.55 -3.90
N PRO A 277 17.81 28.60 -3.13
CA PRO A 277 19.13 29.22 -3.22
C PRO A 277 20.29 28.23 -3.29
N PHE A 278 20.24 27.25 -2.38
CA PHE A 278 21.12 26.10 -2.39
C PHE A 278 21.42 25.49 -3.78
N VAL A 279 20.44 25.43 -4.68
CA VAL A 279 20.66 24.92 -6.05
C VAL A 279 20.25 25.85 -7.21
N SER A 280 19.68 27.03 -6.92
CA SER A 280 19.14 27.90 -8.00
C SER A 280 20.23 28.57 -8.81
N SER A 281 21.38 28.91 -8.17
CA SER A 281 22.60 29.49 -8.82
C SER A 281 23.60 28.48 -9.39
N ILE A 282 23.27 27.20 -9.49
CA ILE A 282 24.29 26.24 -9.88
C ILE A 282 24.36 26.02 -11.40
N THR A 283 25.38 26.61 -12.05
CA THR A 283 25.65 26.48 -13.49
C THR A 283 26.86 25.67 -13.93
N SER A 284 27.80 25.37 -13.01
CA SER A 284 28.98 24.56 -13.33
C SER A 284 29.05 23.21 -12.57
N ASN A 285 29.46 22.15 -13.29
CA ASN A 285 29.73 20.86 -12.70
C ASN A 285 31.21 20.74 -12.24
N LYS A 286 31.89 21.89 -12.06
CA LYS A 286 33.33 21.88 -11.77
C LYS A 286 33.63 21.04 -10.56
N ALA A 287 32.91 21.27 -9.47
CA ALA A 287 33.27 20.64 -8.19
C ALA A 287 33.20 19.12 -8.26
N LEU A 288 32.34 18.55 -9.10
CA LEU A 288 32.35 17.13 -9.33
C LEU A 288 33.37 16.70 -10.34
N ARG A 289 33.69 17.56 -11.29
CA ARG A 289 34.80 17.28 -12.23
C ARG A 289 36.03 17.09 -11.38
N GLU A 290 36.23 17.99 -10.42
CA GLU A 290 37.34 17.95 -9.50
C GLU A 290 37.36 16.61 -8.74
N LEU A 291 36.25 16.28 -8.07
CA LEU A 291 36.09 15.05 -7.28
C LEU A 291 36.26 13.78 -8.07
N VAL A 292 35.77 13.70 -9.30
CA VAL A 292 36.04 12.51 -10.11
C VAL A 292 37.53 12.35 -10.33
N ALA A 293 38.27 13.43 -10.47
CA ALA A 293 39.71 13.34 -10.79
C ALA A 293 40.51 12.70 -9.63
N GLU A 294 40.27 13.19 -8.43
CA GLU A 294 40.88 12.70 -7.24
C GLU A 294 40.62 11.21 -7.05
N ALA A 295 39.36 10.82 -7.03
CA ALA A 295 38.93 9.41 -7.07
C ALA A 295 39.69 8.53 -8.03
N LYS A 296 39.93 8.99 -9.24
CA LYS A 296 40.71 8.22 -10.22
C LYS A 296 42.15 8.09 -9.81
N ALA A 297 42.64 9.16 -9.18
CA ALA A 297 43.99 9.29 -8.77
C ALA A 297 44.25 8.45 -7.53
N GLU A 298 43.43 8.65 -6.54
CA GLU A 298 43.40 7.75 -5.39
C GLU A 298 43.33 6.26 -5.73
N VAL A 299 42.58 5.93 -6.77
CA VAL A 299 42.43 4.53 -7.23
C VAL A 299 43.64 3.98 -7.90
N MET A 300 44.48 4.86 -8.38
CA MET A 300 45.69 4.44 -9.05
C MET A 300 46.75 3.97 -8.09
N GLU A 301 46.52 4.17 -6.79
CA GLU A 301 47.49 3.87 -5.79
C GLU A 301 47.70 2.44 -5.25
N GLU A 302 49.01 2.18 -5.23
CA GLU A 302 49.69 0.91 -5.04
C GLU A 302 51.19 1.32 -4.74
N PRO B 17 -21.41 -28.85 -14.64
CA PRO B 17 -22.50 -28.51 -13.75
C PRO B 17 -23.81 -28.37 -14.49
N ASN B 18 -24.85 -27.91 -13.76
CA ASN B 18 -26.22 -27.62 -14.28
C ASN B 18 -27.17 -28.85 -14.23
N GLU B 19 -26.62 -30.07 -14.23
CA GLU B 19 -27.36 -31.27 -13.82
C GLU B 19 -27.55 -31.27 -12.30
N VAL B 20 -26.49 -30.89 -11.59
CA VAL B 20 -26.47 -30.77 -10.13
C VAL B 20 -27.43 -29.69 -9.61
N TRP B 21 -27.29 -28.46 -10.13
CA TRP B 21 -28.18 -27.34 -9.74
C TRP B 21 -29.11 -26.86 -10.85
N GLU B 22 -30.21 -26.24 -10.44
CA GLU B 22 -31.16 -25.56 -11.34
C GLU B 22 -31.47 -24.18 -10.74
N ILE B 23 -31.35 -23.13 -11.55
CA ILE B 23 -31.54 -21.75 -11.09
C ILE B 23 -33.03 -21.42 -11.03
N VAL B 24 -33.45 -20.75 -9.97
CA VAL B 24 -34.86 -20.55 -9.65
C VAL B 24 -35.08 -19.22 -8.95
N GLY B 25 -34.46 -18.17 -9.49
CA GLY B 25 -34.63 -16.81 -8.97
C GLY B 25 -33.42 -15.95 -9.21
N GLU B 26 -33.58 -14.65 -8.98
CA GLU B 26 -32.49 -13.69 -8.95
C GLU B 26 -32.61 -12.94 -7.64
N LEU B 27 -31.48 -12.67 -7.01
CA LEU B 27 -31.43 -12.08 -5.67
C LEU B 27 -30.73 -10.73 -5.57
N GLY B 28 -29.84 -10.41 -6.51
CA GLY B 28 -29.29 -9.04 -6.62
C GLY B 28 -28.07 -8.85 -7.51
N ASP B 29 -28.26 -8.20 -8.65
CA ASP B 29 -27.15 -7.78 -9.50
C ASP B 29 -26.42 -6.64 -8.77
N GLY B 30 -25.30 -6.95 -8.10
CA GLY B 30 -24.56 -5.98 -7.27
C GLY B 30 -23.83 -4.94 -8.09
N ALA B 31 -22.50 -4.93 -8.04
CA ALA B 31 -21.68 -4.36 -9.14
C ALA B 31 -20.51 -5.29 -9.50
N PHE B 32 -20.64 -6.57 -9.12
CA PHE B 32 -19.66 -7.61 -9.39
C PHE B 32 -20.47 -8.88 -9.69
N GLY B 33 -20.41 -9.36 -10.94
CA GLY B 33 -21.27 -10.46 -11.42
C GLY B 33 -22.74 -10.24 -11.09
N LYS B 34 -23.48 -11.33 -11.02
CA LYS B 34 -24.89 -11.29 -10.59
C LYS B 34 -25.14 -12.45 -9.61
N VAL B 35 -26.06 -12.25 -8.66
CA VAL B 35 -26.36 -13.28 -7.64
C VAL B 35 -27.77 -13.84 -7.86
N TYR B 36 -27.83 -15.14 -8.16
CA TYR B 36 -29.09 -15.87 -8.44
C TYR B 36 -29.36 -16.89 -7.33
N LYS B 37 -30.57 -17.43 -7.30
CA LYS B 37 -30.97 -18.49 -6.35
C LYS B 37 -30.97 -19.83 -7.08
N ALA B 38 -30.31 -20.83 -6.49
CA ALA B 38 -30.20 -22.16 -7.07
C ALA B 38 -30.75 -23.19 -6.10
N LYS B 39 -31.43 -24.20 -6.67
CA LYS B 39 -32.01 -25.30 -5.91
C LYS B 39 -31.46 -26.62 -6.45
N ASN B 40 -30.96 -27.46 -5.56
CA ASN B 40 -30.30 -28.71 -5.92
C ASN B 40 -31.30 -29.64 -6.64
N LYS B 41 -30.87 -30.22 -7.76
CA LYS B 41 -31.75 -31.06 -8.59
C LYS B 41 -32.20 -32.36 -7.88
N GLU B 42 -31.28 -32.99 -7.14
CA GLU B 42 -31.57 -34.25 -6.44
C GLU B 42 -32.14 -34.06 -5.03
N THR B 43 -31.43 -33.28 -4.21
CA THR B 43 -31.67 -33.18 -2.76
C THR B 43 -32.72 -32.14 -2.32
N GLY B 44 -32.94 -31.09 -3.13
CA GLY B 44 -33.89 -30.01 -2.82
C GLY B 44 -33.34 -28.76 -2.11
N ALA B 45 -32.05 -28.75 -1.81
CA ALA B 45 -31.43 -27.67 -1.02
C ALA B 45 -31.28 -26.36 -1.82
N LEU B 46 -31.42 -25.24 -1.11
CA LEU B 46 -31.27 -23.88 -1.66
C LEU B 46 -29.81 -23.41 -1.64
N ALA B 47 -29.55 -22.31 -2.34
CA ALA B 47 -28.21 -21.80 -2.51
C ALA B 47 -28.26 -20.36 -2.94
N ALA B 48 -27.09 -19.75 -2.97
CA ALA B 48 -26.84 -18.53 -3.70
C ALA B 48 -25.75 -18.92 -4.69
N ALA B 49 -26.01 -18.68 -5.97
CA ALA B 49 -25.06 -18.98 -7.03
C ALA B 49 -24.50 -17.66 -7.56
N LYS B 50 -23.19 -17.47 -7.44
CA LYS B 50 -22.48 -16.31 -7.97
C LYS B 50 -21.78 -16.77 -9.25
N VAL B 51 -22.02 -16.08 -10.35
CA VAL B 51 -21.65 -16.57 -11.68
C VAL B 51 -20.83 -15.53 -12.45
N ILE B 52 -19.68 -15.98 -12.96
CA ILE B 52 -18.67 -15.15 -13.63
C ILE B 52 -18.16 -15.86 -14.91
N GLU B 53 -17.72 -15.05 -15.90
CA GLU B 53 -17.25 -15.57 -17.19
C GLU B 53 -18.20 -16.59 -17.83
N GLU B 57 -8.73 -11.30 -17.70
CA GLU B 57 -7.48 -11.30 -16.96
C GLU B 57 -7.03 -12.73 -16.70
N GLU B 58 -6.00 -12.94 -15.88
CA GLU B 58 -5.79 -14.22 -15.22
C GLU B 58 -6.80 -14.30 -14.06
N GLU B 59 -8.06 -13.94 -14.34
CA GLU B 59 -9.10 -13.73 -13.33
C GLU B 59 -9.44 -15.04 -12.65
N LEU B 60 -9.42 -16.13 -13.43
CA LEU B 60 -9.85 -17.45 -12.95
C LEU B 60 -8.99 -17.97 -11.81
N GLU B 61 -7.67 -17.86 -11.94
CA GLU B 61 -6.76 -18.20 -10.84
C GLU B 61 -6.90 -17.22 -9.65
N ASP B 62 -7.20 -15.95 -9.94
CA ASP B 62 -7.49 -14.95 -8.90
C ASP B 62 -8.76 -15.26 -8.11
N TYR B 63 -9.77 -15.85 -8.76
CA TYR B 63 -10.97 -16.30 -8.04
C TYR B 63 -10.74 -17.59 -7.23
N ILE B 64 -10.00 -18.56 -7.80
CA ILE B 64 -9.71 -19.86 -7.11
C ILE B 64 -9.09 -19.67 -5.71
N VAL B 65 -8.16 -18.72 -5.61
CA VAL B 65 -7.52 -18.36 -4.35
C VAL B 65 -8.59 -17.94 -3.32
N GLU B 66 -9.44 -16.98 -3.71
CA GLU B 66 -10.57 -16.52 -2.88
C GLU B 66 -11.50 -17.67 -2.50
N ILE B 67 -11.85 -18.54 -3.45
CA ILE B 67 -12.69 -19.70 -3.14
C ILE B 67 -12.02 -20.56 -2.07
N GLU B 68 -10.81 -21.03 -2.38
CA GLU B 68 -10.04 -21.83 -1.44
C GLU B 68 -9.80 -21.10 -0.11
N ILE B 69 -9.80 -19.77 -0.07
CA ILE B 69 -9.80 -19.05 1.22
C ILE B 69 -11.10 -19.24 1.99
N LEU B 70 -12.24 -19.26 1.32
CA LEU B 70 -13.54 -19.44 2.01
C LEU B 70 -13.74 -20.83 2.61
N ALA B 71 -13.23 -21.87 1.94
CA ALA B 71 -13.24 -23.24 2.48
C ALA B 71 -12.60 -23.31 3.87
N THR B 72 -11.44 -22.71 3.99
CA THR B 72 -10.77 -22.41 5.26
C THR B 72 -11.62 -21.74 6.33
N CYS B 73 -12.45 -20.80 5.94
CA CYS B 73 -13.11 -19.89 6.88
C CYS B 73 -14.41 -20.44 7.45
N ASP B 74 -14.32 -21.68 7.93
CA ASP B 74 -15.45 -22.46 8.41
C ASP B 74 -15.77 -22.09 9.88
N HIS B 75 -16.89 -21.41 10.05
CA HIS B 75 -17.32 -20.87 11.31
C HIS B 75 -18.83 -20.50 11.25
N PRO B 76 -19.55 -20.72 12.39
CA PRO B 76 -20.91 -20.23 12.61
C PRO B 76 -21.37 -19.00 11.86
N TYR B 77 -20.66 -17.89 12.00
CA TYR B 77 -21.05 -16.59 11.46
C TYR B 77 -20.37 -16.15 10.17
N ILE B 78 -20.01 -17.09 9.30
CA ILE B 78 -19.42 -16.81 7.99
C ILE B 78 -20.05 -17.81 7.03
N VAL B 79 -20.57 -17.33 5.92
CA VAL B 79 -21.22 -18.19 4.93
C VAL B 79 -20.44 -19.46 4.59
N LYS B 80 -21.13 -20.58 4.53
CA LYS B 80 -20.53 -21.85 4.15
C LYS B 80 -20.31 -21.88 2.64
N LEU B 81 -19.16 -22.37 2.19
CA LEU B 81 -18.97 -22.65 0.76
C LEU B 81 -19.63 -23.97 0.48
N LEU B 82 -20.50 -24.05 -0.53
CA LEU B 82 -21.17 -25.33 -0.90
C LEU B 82 -20.58 -26.03 -2.12
N GLY B 83 -19.99 -25.30 -3.07
CA GLY B 83 -19.35 -25.93 -4.23
C GLY B 83 -18.71 -24.96 -5.21
N ALA B 84 -18.10 -25.51 -6.27
CA ALA B 84 -17.37 -24.69 -7.23
C ALA B 84 -17.21 -25.39 -8.58
N TYR B 85 -18.14 -25.11 -9.49
CA TYR B 85 -18.16 -25.75 -10.80
C TYR B 85 -17.62 -24.85 -11.90
N LYS B 90 -17.74 -21.02 -18.03
CA LYS B 90 -18.40 -20.22 -16.98
C LYS B 90 -17.95 -20.65 -15.57
N LEU B 91 -18.21 -19.80 -14.57
CA LEU B 91 -17.73 -20.03 -13.17
C LEU B 91 -18.84 -19.92 -12.11
N TRP B 92 -19.25 -21.05 -11.55
CA TRP B 92 -20.32 -21.10 -10.54
C TRP B 92 -19.71 -21.20 -9.14
N ILE B 93 -20.30 -20.52 -8.17
CA ILE B 93 -19.92 -20.66 -6.75
C ILE B 93 -21.19 -20.76 -5.93
N MET B 94 -21.42 -21.93 -5.33
CA MET B 94 -22.63 -22.19 -4.56
C MET B 94 -22.34 -21.89 -3.09
N ILE B 95 -23.07 -20.94 -2.53
CA ILE B 95 -22.90 -20.45 -1.16
C ILE B 95 -24.23 -20.64 -0.41
N GLU B 96 -24.23 -20.61 0.94
CA GLU B 96 -25.46 -20.91 1.68
C GLU B 96 -26.54 -19.85 1.48
N PHE B 97 -27.73 -20.29 1.09
CA PHE B 97 -28.91 -19.43 1.11
C PHE B 97 -29.19 -18.97 2.55
N CYS B 98 -29.27 -17.66 2.76
CA CYS B 98 -29.67 -17.08 4.06
C CYS B 98 -31.02 -16.35 3.82
N PRO B 99 -32.18 -16.96 4.20
CA PRO B 99 -33.49 -16.40 3.81
C PRO B 99 -33.96 -15.09 4.48
N GLY B 100 -33.21 -14.50 5.39
CA GLY B 100 -33.51 -13.11 5.79
C GLY B 100 -32.95 -12.08 4.82
N GLY B 101 -31.92 -12.46 4.04
CA GLY B 101 -31.11 -11.49 3.23
C GLY B 101 -30.22 -10.53 4.04
N ALA B 102 -29.68 -9.50 3.38
CA ALA B 102 -28.74 -8.58 4.00
C ALA B 102 -29.40 -7.55 4.88
N VAL B 103 -28.71 -7.03 5.86
CA VAL B 103 -29.35 -6.17 6.84
C VAL B 103 -29.80 -4.84 6.27
N ASP B 104 -29.03 -4.27 5.34
CA ASP B 104 -29.43 -3.00 4.70
C ASP B 104 -30.75 -3.17 3.90
N ALA B 105 -30.91 -4.26 3.14
CA ALA B 105 -32.18 -4.58 2.45
C ALA B 105 -33.35 -4.73 3.44
N ILE B 106 -33.08 -5.41 4.54
CA ILE B 106 -34.02 -5.49 5.63
C ILE B 106 -34.40 -4.10 6.11
N MET B 107 -33.43 -3.23 6.33
CA MET B 107 -33.70 -1.92 6.87
C MET B 107 -34.60 -1.04 6.02
N LEU B 108 -34.58 -1.24 4.71
CA LEU B 108 -35.44 -0.48 3.78
C LEU B 108 -36.84 -1.09 3.63
N GLU B 109 -36.92 -2.39 3.32
CA GLU B 109 -38.19 -3.17 3.35
C GLU B 109 -39.00 -2.86 4.64
N LEU B 110 -38.32 -2.83 5.78
CA LEU B 110 -38.93 -2.32 7.03
C LEU B 110 -38.97 -0.79 7.17
N ASP B 111 -38.20 -0.07 6.37
CA ASP B 111 -38.15 1.38 6.43
C ASP B 111 -37.93 1.91 7.86
N ARG B 112 -36.89 1.38 8.50
CA ARG B 112 -36.38 1.93 9.77
C ARG B 112 -35.05 1.33 10.16
N GLY B 113 -34.45 1.96 11.16
CA GLY B 113 -33.20 1.51 11.76
C GLY B 113 -33.34 0.16 12.45
N LEU B 114 -32.32 -0.19 13.22
CA LEU B 114 -32.35 -1.37 14.05
C LEU B 114 -32.38 -0.93 15.50
N THR B 115 -33.06 -1.73 16.34
CA THR B 115 -33.17 -1.41 17.76
C THR B 115 -31.81 -1.67 18.36
N GLU B 116 -31.48 -0.98 19.45
CA GLU B 116 -30.17 -1.16 20.05
C GLU B 116 -29.97 -2.63 20.37
N PRO B 117 -30.96 -3.30 21.02
CA PRO B 117 -30.81 -4.74 21.27
C PRO B 117 -30.64 -5.58 20.01
N GLN B 118 -31.35 -5.25 18.95
CA GLN B 118 -31.00 -5.84 17.65
C GLN B 118 -29.51 -5.54 17.25
N ILE B 119 -29.07 -4.29 17.40
CA ILE B 119 -27.67 -3.94 17.11
C ILE B 119 -26.68 -4.67 18.06
N GLN B 120 -27.06 -4.91 19.33
CA GLN B 120 -26.20 -5.63 20.30
C GLN B 120 -25.87 -7.05 19.83
N VAL B 121 -26.87 -7.73 19.31
CA VAL B 121 -26.68 -9.10 18.84
C VAL B 121 -25.80 -9.18 17.58
N VAL B 122 -25.94 -8.22 16.66
CA VAL B 122 -25.08 -8.18 15.45
C VAL B 122 -23.61 -7.85 15.77
N CYS B 123 -23.43 -6.91 16.68
CA CYS B 123 -22.10 -6.46 17.07
C CYS B 123 -21.26 -7.62 17.64
N ARG B 124 -21.90 -8.34 18.55
CA ARG B 124 -21.33 -9.51 19.15
C ARG B 124 -21.05 -10.66 18.17
N GLN B 125 -22.00 -11.01 17.29
CA GLN B 125 -21.73 -12.13 16.35
C GLN B 125 -20.66 -11.76 15.36
N MET B 126 -20.59 -10.47 15.01
CA MET B 126 -19.55 -9.95 14.08
C MET B 126 -18.16 -10.11 14.73
N LEU B 127 -18.04 -9.63 15.97
CA LEU B 127 -16.84 -9.78 16.78
C LEU B 127 -16.32 -11.25 16.86
N GLU B 128 -17.20 -12.23 16.91
CA GLU B 128 -16.75 -13.62 16.93
C GLU B 128 -16.27 -14.02 15.54
N ALA B 129 -16.94 -13.51 14.51
CA ALA B 129 -16.48 -13.75 13.14
C ALA B 129 -15.11 -13.06 12.86
N LEU B 130 -14.97 -11.82 13.32
CA LEU B 130 -13.73 -11.07 13.16
C LEU B 130 -12.56 -11.66 13.95
N ASN B 131 -12.85 -12.04 15.19
CA ASN B 131 -11.85 -12.61 16.02
C ASN B 131 -11.41 -13.99 15.52
N PHE B 132 -12.30 -14.67 14.81
CA PHE B 132 -11.94 -15.95 14.21
C PHE B 132 -10.99 -15.68 13.04
N LEU B 133 -11.45 -14.84 12.14
CA LEU B 133 -10.67 -14.45 10.92
C LEU B 133 -9.24 -13.87 11.23
N HIS B 134 -9.18 -13.00 12.22
CA HIS B 134 -7.95 -12.43 12.72
C HIS B 134 -6.96 -13.43 13.34
N SER B 135 -7.44 -14.59 13.79
CA SER B 135 -6.57 -15.72 14.23
C SER B 135 -6.05 -16.58 13.08
N LYS B 136 -6.74 -16.48 11.94
CA LYS B 136 -6.37 -17.13 10.68
C LYS B 136 -5.47 -16.20 9.82
N ARG B 137 -5.20 -15.00 10.37
CA ARG B 137 -4.46 -13.93 9.66
C ARG B 137 -5.17 -13.49 8.35
N ILE B 138 -6.49 -13.25 8.47
CA ILE B 138 -7.36 -12.81 7.37
C ILE B 138 -8.16 -11.60 7.81
N ILE B 139 -8.27 -10.65 6.89
CA ILE B 139 -9.11 -9.48 7.07
C ILE B 139 -10.27 -9.59 6.11
N HIS B 140 -11.42 -9.04 6.51
CA HIS B 140 -12.57 -8.92 5.62
C HIS B 140 -12.48 -7.73 4.64
N ARG B 141 -12.37 -6.51 5.18
CA ARG B 141 -12.19 -5.27 4.38
C ARG B 141 -13.42 -4.79 3.58
N ASP B 142 -14.60 -5.36 3.82
CA ASP B 142 -15.81 -4.89 3.12
C ASP B 142 -17.01 -5.07 4.06
N LEU B 143 -16.78 -4.72 5.31
CA LEU B 143 -17.76 -4.79 6.34
C LEU B 143 -18.64 -3.61 6.26
N LYS B 144 -19.85 -3.90 5.83
CA LYS B 144 -20.99 -3.02 5.87
C LYS B 144 -22.27 -3.86 6.06
N ALA B 145 -23.40 -3.20 6.26
CA ALA B 145 -24.67 -3.92 6.52
C ALA B 145 -25.08 -4.82 5.36
N GLY B 146 -24.69 -4.46 4.13
CA GLY B 146 -25.05 -5.22 2.95
C GLY B 146 -24.26 -6.51 2.82
N ASN B 147 -23.19 -6.65 3.62
CA ASN B 147 -22.48 -7.94 3.77
C ASN B 147 -22.69 -8.75 5.09
N VAL B 148 -23.60 -8.28 5.94
CA VAL B 148 -24.16 -9.08 7.08
C VAL B 148 -25.52 -9.65 6.70
N LEU B 149 -25.52 -10.93 6.34
CA LEU B 149 -26.76 -11.68 6.03
C LEU B 149 -27.42 -12.27 7.30
N MET B 150 -28.70 -12.68 7.20
CA MET B 150 -29.52 -13.22 8.31
C MET B 150 -30.14 -14.57 7.98
N THR B 151 -30.08 -15.50 8.95
CA THR B 151 -30.83 -16.75 8.90
C THR B 151 -32.15 -16.63 9.64
N LEU B 152 -33.00 -17.65 9.43
CA LEU B 152 -34.29 -17.71 10.07
C LEU B 152 -34.14 -17.87 11.54
N GLU B 153 -33.04 -18.52 11.96
CA GLU B 153 -32.80 -18.75 13.38
C GLU B 153 -32.46 -17.48 14.14
N GLY B 154 -32.26 -16.39 13.40
CA GLY B 154 -31.89 -15.08 13.95
C GLY B 154 -30.39 -14.87 14.04
N ASP B 155 -29.62 -15.63 13.24
CA ASP B 155 -28.17 -15.51 13.23
C ASP B 155 -27.64 -14.84 11.98
N ILE B 156 -26.49 -14.16 12.13
CA ILE B 156 -25.81 -13.51 10.99
C ILE B 156 -24.89 -14.43 10.24
N ARG B 157 -24.61 -14.07 9.01
CA ARG B 157 -23.45 -14.57 8.31
C ARG B 157 -22.81 -13.40 7.55
N LEU B 158 -21.47 -13.28 7.66
CA LEU B 158 -20.66 -12.45 6.81
C LEU B 158 -20.50 -13.12 5.41
N ALA B 159 -20.58 -12.29 4.36
CA ALA B 159 -20.61 -12.76 2.97
C ALA B 159 -19.34 -12.42 2.13
N ASP B 160 -19.26 -12.92 0.88
CA ASP B 160 -18.43 -12.31 -0.22
C ASP B 160 -16.93 -12.17 0.11
N PRO B 181 18.05 0.13 4.42
CA PRO B 181 16.61 0.54 4.39
C PRO B 181 16.33 1.89 5.09
N TYR B 182 17.34 2.77 5.08
CA TYR B 182 17.37 3.99 5.89
C TYR B 182 16.95 5.24 5.14
N TRP B 183 16.70 5.11 3.84
CA TRP B 183 16.30 6.20 2.98
C TRP B 183 14.80 6.14 2.82
N MET B 184 14.13 5.36 3.65
CA MET B 184 12.70 5.19 3.50
C MET B 184 11.98 6.36 4.13
N ALA B 185 10.92 6.80 3.47
CA ALA B 185 10.14 7.96 3.88
C ALA B 185 9.05 7.54 4.85
N PRO B 186 8.81 8.33 5.90
CA PRO B 186 7.90 7.98 6.99
C PRO B 186 6.57 7.38 6.53
N GLU B 187 5.96 8.02 5.54
CA GLU B 187 4.71 7.55 4.97
C GLU B 187 4.82 6.22 4.21
N VAL B 188 6.00 5.86 3.75
CA VAL B 188 6.19 4.57 3.10
C VAL B 188 6.26 3.49 4.19
N VAL B 189 6.87 3.86 5.32
CA VAL B 189 7.06 3.00 6.48
C VAL B 189 5.70 2.58 7.06
N MET B 190 4.83 3.56 7.31
CA MET B 190 3.47 3.30 7.83
C MET B 190 2.73 2.27 7.00
N CYS B 191 2.73 2.44 5.69
CA CYS B 191 2.07 1.51 4.75
C CYS B 191 2.85 0.21 4.37
N GLU B 192 3.92 -0.14 5.13
CA GLU B 192 4.43 -1.55 5.23
C GLU B 192 4.40 -2.24 6.63
N THR B 193 4.12 -1.52 7.72
CA THR B 193 4.60 -1.91 9.09
C THR B 193 4.36 -3.40 9.47
N MET B 194 5.42 -4.22 9.36
CA MET B 194 5.26 -5.66 9.46
C MET B 194 6.60 -6.37 9.49
N ASP B 200 -2.43 -4.06 11.42
CA ASP B 200 -2.83 -3.80 10.03
C ASP B 200 -4.20 -4.39 9.72
N TYR B 201 -4.59 -5.38 10.51
CA TYR B 201 -5.96 -5.89 10.53
C TYR B 201 -6.92 -5.18 11.49
N LYS B 202 -6.57 -3.99 11.98
CA LYS B 202 -7.54 -3.16 12.71
C LYS B 202 -8.48 -2.37 11.77
N ALA B 203 -8.51 -2.68 10.47
CA ALA B 203 -9.31 -1.96 9.46
C ALA B 203 -10.78 -2.30 9.60
N ASP B 204 -11.02 -3.61 9.64
CA ASP B 204 -12.26 -4.27 10.09
C ASP B 204 -12.90 -3.64 11.29
N ILE B 205 -12.13 -3.40 12.34
CA ILE B 205 -12.67 -2.83 13.56
C ILE B 205 -13.20 -1.42 13.36
N TRP B 206 -12.59 -0.65 12.47
CA TRP B 206 -13.16 0.64 12.11
C TRP B 206 -14.49 0.43 11.36
N SER B 207 -14.48 -0.42 10.33
CA SER B 207 -15.66 -0.64 9.47
C SER B 207 -16.91 -1.14 10.27
N LEU B 208 -16.64 -2.02 11.28
CA LEU B 208 -17.57 -2.47 12.28
C LEU B 208 -18.25 -1.27 12.90
N GLY B 209 -17.53 -0.43 13.62
CA GLY B 209 -18.14 0.76 14.26
C GLY B 209 -18.95 1.57 13.29
N ILE B 210 -18.40 1.77 12.08
CA ILE B 210 -19.16 2.42 11.01
C ILE B 210 -20.41 1.62 10.61
N THR B 211 -20.31 0.29 10.53
CA THR B 211 -21.48 -0.55 10.23
C THR B 211 -22.58 -0.40 11.31
N LEU B 212 -22.19 -0.32 12.57
CA LEU B 212 -23.14 -0.07 13.65
C LEU B 212 -23.90 1.26 13.54
N ILE B 213 -23.24 2.30 13.02
CA ILE B 213 -23.95 3.55 12.73
C ILE B 213 -24.93 3.35 11.56
N GLU B 214 -24.46 2.72 10.49
CA GLU B 214 -25.34 2.36 9.36
C GLU B 214 -26.63 1.69 9.91
N MET B 215 -26.49 0.78 10.88
CA MET B 215 -27.63 0.01 11.40
C MET B 215 -28.53 0.87 12.30
N ALA B 216 -27.98 1.67 13.20
CA ALA B 216 -28.77 2.66 13.92
C ALA B 216 -29.55 3.54 12.99
N GLN B 217 -28.87 4.13 12.00
CA GLN B 217 -29.37 5.31 11.27
C GLN B 217 -29.80 5.04 9.80
N ILE B 218 -29.83 3.78 9.41
CA ILE B 218 -30.05 3.35 8.03
C ILE B 218 -28.89 3.69 7.08
N GLU B 219 -28.43 4.95 7.11
CA GLU B 219 -27.34 5.46 6.27
C GLU B 219 -26.07 5.72 7.09
N PRO B 220 -24.87 5.38 6.55
CA PRO B 220 -23.58 5.69 7.24
C PRO B 220 -23.31 7.20 7.30
N PRO B 221 -22.36 7.62 8.14
CA PRO B 221 -21.99 9.04 8.20
C PRO B 221 -21.35 9.55 6.89
N HIS B 222 -21.57 10.82 6.55
CA HIS B 222 -21.19 11.34 5.24
C HIS B 222 -21.95 10.71 4.05
N HIS B 223 -23.17 10.18 4.24
CA HIS B 223 -23.95 9.56 3.11
C HIS B 223 -24.39 10.55 2.03
N GLU B 224 -24.38 11.84 2.40
CA GLU B 224 -24.82 12.97 1.56
C GLU B 224 -23.80 13.52 0.52
N LEU B 225 -22.53 13.15 0.69
CA LEU B 225 -21.45 13.55 -0.21
C LEU B 225 -21.17 12.40 -1.21
N ASN B 226 -20.65 12.72 -2.40
CA ASN B 226 -20.25 11.70 -3.40
C ASN B 226 -18.93 10.96 -3.04
N PRO B 227 -18.75 9.70 -3.54
CA PRO B 227 -17.57 8.85 -3.20
C PRO B 227 -16.22 9.51 -3.28
N MET B 228 -16.09 10.43 -4.24
CA MET B 228 -14.91 11.25 -4.39
C MET B 228 -14.66 11.98 -3.07
N ARG B 229 -15.59 12.82 -2.64
CA ARG B 229 -15.38 13.63 -1.43
C ARG B 229 -15.33 12.87 -0.08
N VAL B 230 -15.89 11.65 -0.05
CA VAL B 230 -15.93 10.83 1.17
C VAL B 230 -14.54 10.54 1.77
N LEU B 231 -13.66 9.99 0.92
CA LEU B 231 -12.28 9.64 1.29
C LEU B 231 -11.55 10.76 2.05
N LEU B 232 -11.71 12.01 1.57
CA LEU B 232 -11.08 13.20 2.16
C LEU B 232 -11.70 13.44 3.51
N LYS B 233 -13.04 13.51 3.53
CA LYS B 233 -13.81 13.70 4.77
C LYS B 233 -13.43 12.64 5.83
N ILE B 234 -13.28 11.39 5.41
CA ILE B 234 -12.86 10.35 6.35
C ILE B 234 -11.50 10.75 6.93
N ALA B 235 -10.53 10.93 6.05
CA ALA B 235 -9.14 11.21 6.48
C ALA B 235 -8.96 12.54 7.24
N LYS B 236 -9.76 13.55 6.91
CA LYS B 236 -9.72 14.84 7.57
C LYS B 236 -10.52 14.88 8.89
N SER B 237 -11.77 14.44 8.85
CA SER B 237 -12.72 14.64 9.97
C SER B 237 -12.48 13.78 11.22
N ASP B 238 -13.09 14.21 12.30
CA ASP B 238 -13.06 13.46 13.54
C ASP B 238 -13.88 12.17 13.46
N PRO B 239 -13.63 11.22 14.40
CA PRO B 239 -14.42 10.02 14.39
C PRO B 239 -15.92 10.33 14.48
N PRO B 240 -16.71 9.69 13.61
CA PRO B 240 -18.16 9.83 13.69
C PRO B 240 -18.74 9.38 15.04
N THR B 241 -19.76 10.12 15.48
CA THR B 241 -20.56 9.77 16.64
C THR B 241 -21.94 9.50 16.10
N LEU B 242 -22.82 9.04 16.97
CA LEU B 242 -24.24 8.88 16.64
C LEU B 242 -24.92 10.23 16.60
N LEU B 243 -25.92 10.35 15.73
CA LEU B 243 -26.63 11.60 15.55
C LEU B 243 -27.42 12.03 16.79
N THR B 244 -28.17 11.11 17.38
CA THR B 244 -28.93 11.42 18.59
C THR B 244 -28.32 10.61 19.73
N PRO B 245 -27.30 11.18 20.42
CA PRO B 245 -26.73 10.49 21.59
C PRO B 245 -27.77 10.17 22.68
N SER B 246 -28.76 11.05 22.87
CA SER B 246 -29.86 10.75 23.78
C SER B 246 -30.53 9.40 23.48
N LYS B 247 -30.82 9.11 22.22
CA LYS B 247 -31.51 7.85 21.83
C LYS B 247 -30.88 6.48 22.21
N TRP B 248 -29.60 6.44 22.59
CA TRP B 248 -28.88 5.16 22.78
C TRP B 248 -28.18 5.13 24.10
N SER B 249 -27.78 3.93 24.52
CA SER B 249 -27.22 3.74 25.85
C SER B 249 -25.81 4.23 25.92
N VAL B 250 -25.34 4.50 27.14
CA VAL B 250 -23.98 5.03 27.33
C VAL B 250 -22.92 4.02 26.84
N GLU B 251 -23.22 2.73 26.88
CA GLU B 251 -22.29 1.67 26.42
C GLU B 251 -22.11 1.69 24.91
N PHE B 252 -23.20 1.90 24.18
CA PHE B 252 -23.15 2.04 22.72
C PHE B 252 -22.19 3.20 22.31
N ARG B 253 -22.40 4.36 22.94
CA ARG B 253 -21.63 5.58 22.65
C ARG B 253 -20.11 5.43 22.91
N ASP B 254 -19.81 4.74 24.01
CA ASP B 254 -18.44 4.43 24.41
C ASP B 254 -17.81 3.34 23.52
N PHE B 255 -18.60 2.37 23.07
CA PHE B 255 -18.10 1.33 22.17
C PHE B 255 -17.64 1.97 20.88
N LEU B 256 -18.52 2.80 20.32
CA LEU B 256 -18.18 3.61 19.16
C LEU B 256 -17.05 4.60 19.41
N LYS B 257 -16.96 5.18 20.60
CA LYS B 257 -15.82 6.03 20.94
C LYS B 257 -14.51 5.24 20.77
N ILE B 258 -14.43 4.02 21.31
CA ILE B 258 -13.15 3.24 21.27
C ILE B 258 -12.96 2.42 20.00
N ALA B 259 -14.04 2.03 19.35
CA ALA B 259 -13.93 1.32 18.08
C ALA B 259 -13.40 2.24 17.01
N LEU B 260 -13.89 3.48 17.03
CA LEU B 260 -13.57 4.48 16.02
C LEU B 260 -12.50 5.42 16.58
N ASP B 261 -11.31 4.84 16.75
CA ASP B 261 -10.08 5.53 17.08
C ASP B 261 -9.37 5.62 15.76
N LYS B 262 -8.83 6.80 15.45
CA LYS B 262 -8.13 6.99 14.19
C LYS B 262 -6.75 6.31 14.16
N ASN B 263 -6.20 6.02 15.34
CA ASN B 263 -4.88 5.42 15.52
C ASN B 263 -4.94 3.89 15.71
N PRO B 264 -4.62 3.10 14.64
CA PRO B 264 -4.66 1.62 14.78
C PRO B 264 -3.69 1.02 15.82
N GLU B 265 -2.73 1.82 16.31
CA GLU B 265 -1.98 1.44 17.52
C GLU B 265 -2.98 1.34 18.67
N THR B 266 -3.49 2.48 19.14
CA THR B 266 -4.35 2.49 20.32
C THR B 266 -5.76 1.84 20.11
N ARG B 267 -6.16 1.61 18.87
CA ARG B 267 -7.48 0.98 18.57
C ARG B 267 -7.53 -0.54 18.95
N PRO B 268 -8.62 -1.04 19.55
CA PRO B 268 -8.70 -2.46 20.02
C PRO B 268 -9.00 -3.59 19.01
N SER B 269 -8.58 -4.83 19.34
CA SER B 269 -8.96 -6.06 18.59
C SER B 269 -10.43 -6.53 18.77
N ALA B 270 -10.89 -7.36 17.84
CA ALA B 270 -12.18 -8.05 17.97
C ALA B 270 -12.25 -8.75 19.36
N ALA B 271 -11.19 -9.47 19.72
CA ALA B 271 -10.98 -10.07 21.05
C ALA B 271 -11.22 -9.15 22.22
N GLN B 272 -10.51 -8.03 22.26
CA GLN B 272 -10.67 -7.06 23.37
C GLN B 272 -12.06 -6.48 23.46
N LEU B 273 -12.71 -6.29 22.31
CA LEU B 273 -14.04 -5.68 22.26
C LEU B 273 -15.12 -6.65 22.78
N LEU B 274 -14.87 -7.95 22.69
CA LEU B 274 -15.81 -8.94 23.22
C LEU B 274 -16.05 -8.80 24.75
N GLU B 275 -15.08 -8.23 25.46
CA GLU B 275 -15.28 -7.85 26.84
C GLU B 275 -15.88 -6.44 27.04
N HIS B 276 -16.54 -5.84 26.06
CA HIS B 276 -17.18 -4.54 26.28
C HIS B 276 -18.61 -4.80 26.79
N PRO B 277 -19.08 -4.03 27.80
CA PRO B 277 -20.44 -4.15 28.36
C PRO B 277 -21.55 -4.25 27.32
N PHE B 278 -21.46 -3.36 26.34
CA PHE B 278 -22.29 -3.40 25.15
C PHE B 278 -22.50 -4.79 24.53
N VAL B 279 -21.48 -5.65 24.51
CA VAL B 279 -21.63 -7.05 24.02
C VAL B 279 -21.25 -8.19 24.98
N SER B 280 -20.76 -7.89 26.18
CA SER B 280 -20.23 -8.93 27.08
C SER B 280 -21.33 -9.78 27.70
N SER B 281 -22.52 -9.18 27.97
CA SER B 281 -23.75 -9.90 28.48
C SER B 281 -24.67 -10.48 27.42
N ILE B 282 -24.25 -10.58 26.15
CA ILE B 282 -25.24 -11.01 25.13
C ILE B 282 -25.24 -12.52 24.91
N THR B 283 -26.27 -13.21 25.46
CA THR B 283 -26.46 -14.67 25.28
C THR B 283 -27.60 -15.16 24.40
N SER B 284 -28.56 -14.28 24.07
CA SER B 284 -29.67 -14.62 23.18
C SER B 284 -29.72 -13.80 21.88
N ASN B 285 -30.04 -14.49 20.78
CA ASN B 285 -30.28 -13.88 19.49
C ASN B 285 -31.76 -13.48 19.32
N LYS B 286 -32.49 -13.33 20.43
CA LYS B 286 -33.96 -13.13 20.36
C LYS B 286 -34.28 -11.91 19.50
N ALA B 287 -33.61 -10.79 19.79
CA ALA B 287 -33.96 -9.54 19.13
C ALA B 287 -33.84 -9.59 17.59
N LEU B 288 -32.92 -10.39 17.08
CA LEU B 288 -32.85 -10.61 15.65
C LEU B 288 -33.78 -11.67 15.18
N ARG B 289 -34.10 -12.64 16.03
CA ARG B 289 -35.16 -13.62 15.70
C ARG B 289 -36.42 -12.84 15.45
N GLU B 290 -36.69 -11.89 16.35
CA GLU B 290 -37.85 -11.03 16.24
C GLU B 290 -37.86 -10.27 14.89
N LEU B 291 -36.76 -9.55 14.60
CA LEU B 291 -36.59 -8.73 13.38
C LEU B 291 -36.65 -9.55 12.10
N VAL B 292 -36.09 -10.76 12.06
CA VAL B 292 -36.27 -11.59 10.85
C VAL B 292 -37.73 -11.88 10.62
N ALA B 293 -38.52 -12.08 11.68
CA ALA B 293 -39.93 -12.46 11.51
C ALA B 293 -40.74 -11.33 10.82
N GLU B 294 -40.59 -10.12 11.31
CA GLU B 294 -41.24 -8.96 10.78
C GLU B 294 -40.91 -8.77 9.30
N ALA B 295 -39.63 -8.68 8.98
CA ALA B 295 -39.12 -8.70 7.61
C ALA B 295 -39.79 -9.69 6.68
N LYS B 296 -39.98 -10.93 7.13
CA LYS B 296 -40.69 -11.95 6.31
C LYS B 296 -42.13 -11.61 6.10
N ALA B 297 -42.71 -11.01 7.15
CA ALA B 297 -44.10 -10.68 7.22
C ALA B 297 -44.38 -9.46 6.37
N GLU B 298 -43.61 -8.41 6.60
CA GLU B 298 -43.62 -7.23 5.72
C GLU B 298 -43.45 -7.57 4.25
N VAL B 299 -42.64 -8.58 3.94
CA VAL B 299 -42.38 -9.01 2.56
C VAL B 299 -43.53 -9.75 1.94
N MET B 300 -44.38 -10.28 2.79
CA MET B 300 -45.54 -11.03 2.31
C MET B 300 -46.63 -10.12 1.81
N GLU B 301 -46.47 -8.81 2.01
CA GLU B 301 -47.48 -7.86 1.66
C GLU B 301 -47.43 -7.36 0.22
N GLU B 302 -48.09 -8.14 -0.62
CA GLU B 302 -48.77 -7.67 -1.83
C GLU B 302 -50.33 -7.93 -1.68
C1 38O C . 36.94 1.03 -6.43
C3 38O C . 35.93 2.74 -7.83
C4 38O C . 34.59 2.05 -8.00
C6 38O C . 35.71 0.17 -9.06
C7 38O C . 37.05 0.87 -8.86
C8 38O C . 33.72 1.19 -10.18
C12 38O C . 29.74 1.02 -12.31
N13 38O C . 30.79 1.27 -13.09
C15 38O C . 33.25 1.50 -12.53
C16 38O C . 34.16 1.45 -11.47
C17 38O C . 28.36 0.93 -12.82
C18 38O C . 27.28 0.33 -12.06
C21 38O C . 24.82 -0.29 -11.95
C23 38O C . 23.59 -0.31 -12.51
C24 38O C . 23.40 0.21 -13.78
O29 38O C . 28.93 1.97 -14.85
N2 38O C . 37.01 1.78 -7.70
N5 38O C . 34.62 1.16 -9.15
C9 38O C . 32.38 0.99 -9.91
C10 38O C . 31.48 1.04 -10.94
N11 38O C . 30.10 0.88 -11.01
C14 38O C . 31.89 1.29 -12.25
N19 38O C . 27.49 -0.17 -10.83
C20 38O C . 25.94 0.27 -12.63
F22 38O C . 24.97 -0.81 -10.69
C25 38O C . 24.45 0.76 -14.49
C26 38O C . 25.73 0.81 -13.91
N27 38O C . 26.80 1.36 -14.61
C28 38O C . 28.07 1.45 -14.14
C1 38O D . -37.96 -9.72 0.03
C3 38O D . -35.86 -8.55 -0.27
C4 38O D . -35.21 -9.64 -1.10
C6 38O D . -35.48 -11.18 0.76
C7 38O D . -36.11 -10.07 1.57
C8 38O D . -33.23 -10.83 -0.23
C12 38O D . -29.25 -12.95 -0.33
N13 38O D . -29.19 -11.64 -0.23
C15 38O D . -31.01 -9.91 -0.15
C16 38O D . -32.39 -9.74 -0.15
C17 38O D . -28.01 -13.75 -0.32
C18 38O D . -26.76 -13.12 -0.69
C21 38O D . -24.30 -13.30 -1.00
C23 38O D . -23.14 -14.02 -0.93
C24 38O D . -23.19 -15.35 -0.49
O29 38O D . -29.00 -15.74 0.49
N2 38O D . -36.80 -9.11 0.71
N5 38O D . -34.56 -10.62 -0.23
C9 38O D . -32.72 -12.13 -0.30
C10 38O D . -31.36 -12.30 -0.30
N11 38O D . -30.53 -13.41 -0.36
C14 38O D . -30.51 -11.21 -0.22
N19 38O D . -26.73 -11.83 -1.09
C20 38O D . -25.54 -13.86 -0.64
F22 38O D . -24.22 -12.01 -1.42
C25 38O D . -24.39 -15.94 -0.14
C26 38O D . -25.57 -15.21 -0.20
N27 38O D . -26.79 -15.77 0.16
C28 38O D . -27.99 -15.12 0.14
#